data_6U17
#
_entry.id   6U17
#
_cell.length_a   96.870
_cell.length_b   52.760
_cell.length_c   81.620
_cell.angle_alpha   90.000
_cell.angle_beta   95.250
_cell.angle_gamma   90.000
#
_symmetry.space_group_name_H-M   'C 1 2 1'
#
loop_
_entity.id
_entity.type
_entity.pdbx_description
1 polymer 'G/T mismatch-specific thymine DNA glycosylase'
2 polymer 'DNA (28-MER)'
3 polymer 'DNA (30-MER)'
4 non-polymer 'ACETATE ION'
5 water water
#
loop_
_entity_poly.entity_id
_entity_poly.type
_entity_poly.pdbx_seq_one_letter_code
_entity_poly.pdbx_strand_id
1 'polypeptide(L)'
;SKKSGKSAKSKEKQEKITDTFKVKRKVDRFNGVSEAELLTKTLPDILTFNLDIVIIGINPGLMAAYKGHHYPGPGNHFWK
CLFMSGLSEVQLNHMDDHTLPGKYGIGFTNMVERTTPGSKDLSSKEFREGGRILVQKLQKYQPRIAVFNGKCIYEIFSKE
VFGVKVKNLEFGLQPHKIPDTETLCYVMPSSSAR(CSO)AQFPRAQDKVHYYIKLKDLRDQLKGIERNMDV
;
A
2 'polydeoxyribonucleotide'
;(DC)(DA)(DG)(DC)(DT)(DC)(DT)(DG)(DT)(DA)(DC)(DG)(DT)(DG)(DA)(DG)(DC)(DG)(DA)(DT)
(DG)(DG)(DA)(DC)(DA)(DG)(DC)(DT)
;
C
3 'polydeoxyribonucleotide'
;(DA)(DG)(DC)(DT)(DG)(DT)(DC)(DC)(DA)(DT)(DC)(DG)(DC)(DT)(DC)(DA)(1FC)(DG)(DT)
(DA)(DC)(DA)(DG)(DA)(DG)(DC)(DT)(DG)
;
D
#
# COMPACT_ATOMS: atom_id res chain seq x y z
N LYS A 26 19.49 3.70 26.42
CA LYS A 26 18.56 3.96 25.33
C LYS A 26 19.13 3.50 23.98
N VAL A 27 18.26 2.92 23.14
CA VAL A 27 18.64 2.44 21.80
C VAL A 27 18.20 3.49 20.76
N ASP A 28 19.17 4.04 20.03
CA ASP A 28 19.00 5.05 19.01
C ASP A 28 18.92 4.38 17.64
N ARG A 29 17.71 4.33 17.08
CA ARG A 29 17.47 3.70 15.78
C ARG A 29 17.32 4.77 14.69
N PHE A 30 17.35 6.08 15.06
CA PHE A 30 17.12 7.15 14.10
C PHE A 30 18.16 8.26 14.06
N ASN A 31 19.41 7.84 14.18
CA ASN A 31 20.55 8.75 14.02
C ASN A 31 20.36 10.09 14.79
N GLY A 32 19.98 9.97 16.06
CA GLY A 32 19.77 11.12 16.93
C GLY A 32 18.51 11.95 16.76
N VAL A 33 17.57 11.53 15.88
CA VAL A 33 16.30 12.22 15.69
C VAL A 33 15.34 11.54 16.69
N SER A 34 14.64 12.33 17.53
CA SER A 34 13.70 11.76 18.51
C SER A 34 12.46 11.14 17.85
N GLU A 35 11.86 10.14 18.51
CA GLU A 35 10.61 9.50 18.05
C GLU A 35 9.48 10.52 18.02
N ALA A 36 9.45 11.46 19.00
CA ALA A 36 8.47 12.55 19.09
C ALA A 36 8.48 13.41 17.81
N GLU A 37 9.69 13.76 17.29
CA GLU A 37 9.83 14.54 16.04
C GLU A 37 9.25 13.76 14.85
N LEU A 38 9.59 12.47 14.73
CA LEU A 38 9.08 11.61 13.65
C LEU A 38 7.57 11.49 13.65
N LEU A 39 6.96 11.45 14.84
CA LEU A 39 5.50 11.33 14.96
C LEU A 39 4.72 12.52 14.34
N THR A 40 5.40 13.68 14.14
CA THR A 40 4.77 14.88 13.51
C THR A 40 5.04 14.95 11.99
N LYS A 41 5.93 14.06 11.48
CA LYS A 41 6.28 14.04 10.06
C LYS A 41 5.24 13.26 9.26
N THR A 42 5.14 13.57 7.95
CA THR A 42 4.21 12.86 7.06
C THR A 42 5.01 12.33 5.87
N LEU A 43 4.40 11.48 5.06
CA LEU A 43 5.03 10.87 3.90
C LEU A 43 4.27 11.32 2.64
N PRO A 44 4.93 12.02 1.70
CA PRO A 44 4.24 12.44 0.47
C PRO A 44 3.69 11.32 -0.41
N ASP A 45 2.53 11.58 -1.05
CA ASP A 45 1.97 10.65 -2.02
C ASP A 45 2.87 10.71 -3.28
N ILE A 46 2.85 9.65 -4.08
CA ILE A 46 3.58 9.60 -5.34
C ILE A 46 2.51 9.15 -6.31
N LEU A 47 1.74 10.11 -6.80
CA LEU A 47 0.61 9.83 -7.66
C LEU A 47 0.65 10.62 -8.95
N THR A 48 0.28 9.96 -10.06
CA THR A 48 0.14 10.53 -11.41
C THR A 48 -1.09 9.89 -12.07
N PHE A 49 -1.53 10.44 -13.19
CA PHE A 49 -2.62 9.86 -13.97
C PHE A 49 -2.07 8.69 -14.81
N ASN A 50 -2.97 7.81 -15.31
CA ASN A 50 -2.65 6.67 -16.18
C ASN A 50 -1.73 5.62 -15.57
N LEU A 51 -1.72 5.50 -14.24
CA LEU A 51 -0.91 4.46 -13.56
C LEU A 51 -1.62 3.12 -13.70
N ASP A 52 -0.85 2.03 -13.76
CA ASP A 52 -1.42 0.69 -13.78
C ASP A 52 -1.80 0.31 -12.34
N ILE A 53 -0.91 0.63 -11.38
CA ILE A 53 -1.05 0.24 -9.97
C ILE A 53 -0.82 1.40 -9.00
N VAL A 54 -1.64 1.44 -7.94
CA VAL A 54 -1.38 2.34 -6.82
C VAL A 54 -1.25 1.50 -5.57
N ILE A 55 -0.09 1.56 -4.90
CA ILE A 55 0.12 0.81 -3.67
C ILE A 55 -0.40 1.69 -2.54
N ILE A 56 -1.38 1.18 -1.80
CA ILE A 56 -1.97 1.90 -0.67
C ILE A 56 -1.56 1.26 0.63
N GLY A 57 -0.69 1.91 1.37
CA GLY A 57 -0.33 1.43 2.70
C GLY A 57 -1.34 1.89 3.74
N ILE A 58 -1.08 1.54 4.99
CA ILE A 58 -1.93 1.87 6.13
C ILE A 58 -1.62 3.31 6.51
N ASN A 59 -0.39 3.55 6.99
CA ASN A 59 0.06 4.89 7.34
C ASN A 59 1.58 4.80 7.41
N PRO A 60 2.29 5.91 7.48
CA PRO A 60 3.77 5.78 7.57
C PRO A 60 4.19 5.25 8.93
N GLY A 61 5.19 4.38 8.96
CA GLY A 61 5.83 3.98 10.19
C GLY A 61 6.95 4.97 10.50
N LEU A 62 7.67 4.77 11.61
CA LEU A 62 8.75 5.69 12.01
C LEU A 62 9.87 5.85 10.97
N MET A 63 10.24 4.74 10.30
CA MET A 63 11.29 4.80 9.28
C MET A 63 10.88 5.58 8.05
N ALA A 64 9.62 5.38 7.57
CA ALA A 64 9.16 6.15 6.42
C ALA A 64 9.10 7.65 6.74
N ALA A 65 8.65 8.00 7.97
CA ALA A 65 8.62 9.40 8.42
C ALA A 65 10.05 9.96 8.40
N TYR A 66 11.00 9.18 8.90
CA TYR A 66 12.42 9.58 8.94
C TYR A 66 13.02 9.84 7.54
N LYS A 67 12.83 8.87 6.63
CA LYS A 67 13.45 8.89 5.31
C LYS A 67 12.71 9.75 4.31
N GLY A 68 11.41 9.85 4.46
CA GLY A 68 10.58 10.58 3.51
C GLY A 68 10.40 9.79 2.22
N HIS A 69 10.62 8.47 2.29
CA HIS A 69 10.46 7.58 1.14
C HIS A 69 9.63 6.37 1.52
N HIS A 70 9.06 5.69 0.53
CA HIS A 70 8.19 4.53 0.77
C HIS A 70 8.93 3.23 1.04
N TYR A 71 8.47 2.54 2.10
CA TYR A 71 8.91 1.20 2.58
C TYR A 71 10.44 1.11 2.79
N PRO A 72 11.02 2.03 3.61
CA PRO A 72 12.48 1.99 3.86
C PRO A 72 12.87 1.02 4.96
N GLY A 73 11.88 0.50 5.71
CA GLY A 73 12.14 -0.40 6.81
C GLY A 73 13.03 -1.54 6.39
N PRO A 74 14.19 -1.74 7.05
CA PRO A 74 15.11 -2.81 6.61
C PRO A 74 14.50 -4.19 6.50
N GLY A 75 13.49 -4.47 7.31
CA GLY A 75 12.82 -5.76 7.30
C GLY A 75 11.51 -5.78 6.54
N ASN A 76 11.05 -4.61 6.02
CA ASN A 76 9.77 -4.56 5.29
C ASN A 76 9.93 -5.36 3.99
N HIS A 77 8.91 -6.15 3.64
CA HIS A 77 8.97 -7.07 2.49
C HIS A 77 8.65 -6.46 1.13
N PHE A 78 8.19 -5.19 1.09
CA PHE A 78 7.72 -4.59 -0.16
C PHE A 78 8.72 -4.68 -1.34
N TRP A 79 9.95 -4.11 -1.20
CA TRP A 79 10.90 -4.07 -2.31
C TRP A 79 11.37 -5.47 -2.73
N LYS A 80 11.56 -6.37 -1.76
CA LYS A 80 11.96 -7.77 -1.98
C LYS A 80 10.85 -8.51 -2.78
N CYS A 81 9.56 -8.36 -2.38
CA CYS A 81 8.44 -9.00 -3.11
C CYS A 81 8.25 -8.44 -4.51
N LEU A 82 8.45 -7.13 -4.69
CA LEU A 82 8.33 -6.50 -6.00
C LEU A 82 9.37 -7.11 -6.99
N PHE A 83 10.57 -7.40 -6.49
CA PHE A 83 11.60 -8.03 -7.32
C PHE A 83 11.34 -9.52 -7.48
N MET A 84 11.13 -10.25 -6.36
CA MET A 84 10.88 -11.71 -6.38
C MET A 84 9.70 -12.08 -7.29
N SER A 85 8.68 -11.21 -7.40
CA SER A 85 7.52 -11.43 -8.25
C SER A 85 7.76 -11.12 -9.72
N GLY A 86 8.79 -10.33 -9.99
CA GLY A 86 9.11 -9.89 -11.34
C GLY A 86 8.50 -8.55 -11.71
N LEU A 87 7.85 -7.85 -10.75
CA LEU A 87 7.27 -6.51 -11.01
C LEU A 87 8.39 -5.48 -11.29
N SER A 88 9.59 -5.71 -10.72
CA SER A 88 10.81 -4.96 -11.04
C SER A 88 11.84 -5.98 -11.54
N GLU A 89 12.64 -5.62 -12.58
CA GLU A 89 13.66 -6.51 -13.18
C GLU A 89 14.90 -6.65 -12.30
N VAL A 90 15.14 -5.66 -11.42
CA VAL A 90 16.25 -5.65 -10.47
C VAL A 90 15.67 -5.35 -9.10
N GLN A 91 16.43 -5.68 -8.05
CA GLN A 91 16.02 -5.40 -6.68
C GLN A 91 16.18 -3.88 -6.42
N LEU A 92 15.05 -3.21 -6.14
CA LEU A 92 15.06 -1.77 -5.88
C LEU A 92 14.97 -1.51 -4.39
N ASN A 93 15.00 -0.24 -3.99
CA ASN A 93 14.88 0.11 -2.58
C ASN A 93 14.12 1.41 -2.47
N HIS A 94 13.86 1.87 -1.23
CA HIS A 94 13.05 3.08 -1.00
C HIS A 94 13.49 4.34 -1.78
N MET A 95 14.80 4.48 -2.10
CA MET A 95 15.28 5.67 -2.83
C MET A 95 14.83 5.68 -4.31
N ASP A 96 14.24 4.56 -4.79
CA ASP A 96 13.76 4.45 -6.18
C ASP A 96 12.25 4.71 -6.30
N ASP A 97 11.57 4.97 -5.18
CA ASP A 97 10.12 5.14 -5.19
C ASP A 97 9.62 6.21 -6.20
N HIS A 98 10.37 7.31 -6.43
CA HIS A 98 9.94 8.34 -7.40
C HIS A 98 10.05 7.92 -8.88
N THR A 99 10.85 6.87 -9.17
CA THR A 99 11.05 6.36 -10.54
C THR A 99 9.93 5.37 -10.93
N LEU A 100 9.17 4.86 -9.94
CA LEU A 100 8.16 3.83 -10.18
C LEU A 100 6.99 4.29 -11.07
N PRO A 101 6.39 5.50 -10.98
CA PRO A 101 5.31 5.82 -11.92
C PRO A 101 5.74 5.82 -13.38
N GLY A 102 6.90 6.40 -13.66
CA GLY A 102 7.44 6.52 -15.01
C GLY A 102 7.98 5.23 -15.59
N LYS A 103 8.81 4.51 -14.81
CA LYS A 103 9.42 3.27 -15.26
C LYS A 103 8.51 2.05 -15.19
N TYR A 104 7.73 1.89 -14.11
CA TYR A 104 6.92 0.69 -13.90
C TYR A 104 5.40 0.88 -13.89
N GLY A 105 4.91 2.13 -13.89
CA GLY A 105 3.48 2.41 -13.85
C GLY A 105 2.87 2.18 -12.47
N ILE A 106 3.68 2.34 -11.41
CA ILE A 106 3.29 2.14 -10.01
C ILE A 106 3.39 3.44 -9.20
N GLY A 107 2.33 3.74 -8.47
CA GLY A 107 2.28 4.90 -7.60
C GLY A 107 2.06 4.48 -6.16
N PHE A 108 2.03 5.46 -5.24
CA PHE A 108 1.89 5.20 -3.80
C PHE A 108 1.07 6.22 -3.09
N THR A 109 0.30 5.73 -2.11
CA THR A 109 -0.42 6.54 -1.12
C THR A 109 -0.63 5.71 0.13
N ASN A 110 -1.26 6.28 1.16
CA ASN A 110 -1.62 5.56 2.38
C ASN A 110 -2.99 5.93 2.77
N MET A 111 -3.67 5.01 3.49
CA MET A 111 -5.05 5.26 3.96
C MET A 111 -5.05 6.44 4.98
N VAL A 112 -4.11 6.44 5.93
CA VAL A 112 -4.00 7.44 7.00
C VAL A 112 -2.66 8.21 6.86
N GLU A 113 -2.73 9.54 7.03
CA GLU A 113 -1.56 10.41 6.92
C GLU A 113 -0.63 10.35 8.16
N ARG A 114 -1.21 10.25 9.37
CA ARG A 114 -0.44 10.32 10.63
C ARG A 114 0.55 9.19 10.76
N THR A 115 1.78 9.50 11.19
CA THR A 115 2.81 8.50 11.42
C THR A 115 2.62 7.88 12.78
N THR A 116 2.77 6.55 12.87
CA THR A 116 2.75 5.85 14.15
C THR A 116 3.73 4.68 14.08
N PRO A 117 4.14 4.08 15.21
CA PRO A 117 5.02 2.88 15.12
C PRO A 117 4.37 1.68 14.40
N GLY A 118 3.07 1.46 14.60
CA GLY A 118 2.33 0.38 13.98
C GLY A 118 0.87 0.70 13.76
N SER A 119 0.15 -0.21 13.05
CA SER A 119 -1.28 -0.07 12.74
C SER A 119 -2.21 -0.01 13.95
N LYS A 120 -1.79 -0.64 15.07
CA LYS A 120 -2.59 -0.74 16.29
C LYS A 120 -2.79 0.60 17.02
N ASP A 121 -2.00 1.63 16.67
CA ASP A 121 -2.11 2.95 17.29
C ASP A 121 -3.16 3.87 16.64
N LEU A 122 -3.74 3.45 15.50
CA LEU A 122 -4.74 4.25 14.77
C LEU A 122 -6.16 4.02 15.26
N SER A 123 -6.95 5.11 15.36
CA SER A 123 -8.35 5.04 15.77
C SER A 123 -9.28 4.77 14.57
N SER A 124 -10.51 4.32 14.86
CA SER A 124 -11.56 4.06 13.87
C SER A 124 -11.89 5.33 13.05
N LYS A 125 -12.06 6.48 13.73
CA LYS A 125 -12.36 7.77 13.08
C LYS A 125 -11.25 8.15 12.09
N GLU A 126 -9.97 7.95 12.47
CA GLU A 126 -8.85 8.26 11.57
C GLU A 126 -8.94 7.43 10.29
N PHE A 127 -9.29 6.14 10.43
CA PHE A 127 -9.39 5.24 9.30
C PHE A 127 -10.54 5.66 8.36
N ARG A 128 -11.70 6.02 8.91
CA ARG A 128 -12.85 6.40 8.09
C ARG A 128 -12.64 7.76 7.42
N GLU A 129 -11.92 8.68 8.08
CA GLU A 129 -11.55 9.97 7.49
C GLU A 129 -10.60 9.64 6.31
N GLY A 130 -9.61 8.78 6.56
CA GLY A 130 -8.69 8.31 5.53
C GLY A 130 -9.39 7.68 4.35
N GLY A 131 -10.39 6.84 4.62
CA GLY A 131 -11.19 6.20 3.58
C GLY A 131 -11.88 7.18 2.65
N ARG A 132 -12.54 8.23 3.20
CA ARG A 132 -13.21 9.28 2.41
C ARG A 132 -12.20 10.03 1.51
N ILE A 133 -11.04 10.40 2.08
CA ILE A 133 -9.97 11.07 1.34
C ILE A 133 -9.43 10.15 0.22
N LEU A 134 -9.24 8.85 0.55
CA LEU A 134 -8.70 7.89 -0.39
C LEU A 134 -9.64 7.66 -1.58
N VAL A 135 -10.93 7.50 -1.33
CA VAL A 135 -11.82 7.22 -2.46
C VAL A 135 -11.80 8.45 -3.45
N GLN A 136 -11.74 9.68 -2.91
CA GLN A 136 -11.63 10.91 -3.71
C GLN A 136 -10.34 10.89 -4.57
N LYS A 137 -9.20 10.48 -3.97
CA LYS A 137 -7.94 10.41 -4.71
C LYS A 137 -7.99 9.38 -5.85
N LEU A 138 -8.61 8.22 -5.61
CA LEU A 138 -8.71 7.15 -6.61
C LEU A 138 -9.64 7.56 -7.75
N GLN A 139 -10.64 8.39 -7.43
CA GLN A 139 -11.58 8.93 -8.42
C GLN A 139 -10.91 9.98 -9.28
N LYS A 140 -9.88 10.66 -8.75
CA LYS A 140 -9.14 11.67 -9.48
C LYS A 140 -8.13 10.96 -10.43
N TYR A 141 -7.23 10.15 -9.87
CA TYR A 141 -6.15 9.52 -10.65
C TYR A 141 -6.52 8.29 -11.44
N GLN A 142 -7.55 7.56 -10.99
CA GLN A 142 -8.11 6.38 -11.65
C GLN A 142 -7.06 5.38 -12.14
N PRO A 143 -6.28 4.79 -11.23
CA PRO A 143 -5.30 3.77 -11.65
C PRO A 143 -6.03 2.50 -12.12
N ARG A 144 -5.39 1.64 -12.93
CA ARG A 144 -6.09 0.41 -13.34
C ARG A 144 -6.42 -0.45 -12.09
N ILE A 145 -5.49 -0.48 -11.11
CA ILE A 145 -5.64 -1.31 -9.90
C ILE A 145 -5.28 -0.55 -8.63
N ALA A 146 -6.21 -0.54 -7.66
CA ALA A 146 -5.96 0.05 -6.33
C ALA A 146 -5.54 -1.14 -5.43
N VAL A 147 -4.27 -1.16 -5.02
CA VAL A 147 -3.69 -2.25 -4.22
C VAL A 147 -3.64 -1.91 -2.76
N PHE A 148 -4.41 -2.63 -1.95
CA PHE A 148 -4.42 -2.38 -0.52
C PHE A 148 -3.35 -3.21 0.12
N ASN A 149 -2.29 -2.55 0.57
CA ASN A 149 -1.18 -3.20 1.23
C ASN A 149 -1.52 -3.31 2.72
N GLY A 150 -2.41 -4.24 3.04
CA GLY A 150 -2.91 -4.42 4.38
C GLY A 150 -4.39 -4.78 4.33
N LYS A 151 -4.73 -5.91 4.91
CA LYS A 151 -6.12 -6.42 4.94
C LYS A 151 -7.04 -5.48 5.74
N CYS A 152 -6.55 -5.02 6.91
CA CYS A 152 -7.25 -4.13 7.85
C CYS A 152 -7.81 -2.86 7.18
N ILE A 153 -7.05 -2.22 6.26
CA ILE A 153 -7.55 -1.01 5.61
C ILE A 153 -8.64 -1.32 4.57
N TYR A 154 -8.59 -2.50 3.92
CA TYR A 154 -9.68 -2.84 3.00
C TYR A 154 -10.94 -3.21 3.77
N GLU A 155 -10.80 -3.80 4.97
CA GLU A 155 -12.02 -4.12 5.78
C GLU A 155 -12.82 -2.83 6.09
N ILE A 156 -12.09 -1.77 6.50
CA ILE A 156 -12.71 -0.45 6.78
C ILE A 156 -13.26 0.15 5.48
N PHE A 157 -12.41 0.18 4.42
CA PHE A 157 -12.77 0.75 3.12
C PHE A 157 -14.04 0.16 2.55
N SER A 158 -14.12 -1.19 2.52
CA SER A 158 -15.29 -1.92 2.01
C SER A 158 -16.62 -1.54 2.70
N LYS A 159 -16.61 -1.45 4.05
CA LYS A 159 -17.80 -1.15 4.84
C LYS A 159 -18.22 0.31 4.65
N GLU A 160 -17.21 1.19 4.50
CA GLU A 160 -17.41 2.62 4.32
C GLU A 160 -17.83 3.04 2.91
N VAL A 161 -17.20 2.49 1.88
CA VAL A 161 -17.43 2.84 0.47
C VAL A 161 -18.47 1.94 -0.22
N PHE A 162 -18.41 0.62 -0.02
CA PHE A 162 -19.38 -0.27 -0.67
C PHE A 162 -20.56 -0.68 0.23
N GLY A 163 -20.45 -0.33 1.51
CA GLY A 163 -21.45 -0.67 2.52
C GLY A 163 -21.57 -2.18 2.68
N VAL A 164 -20.44 -2.89 2.47
CA VAL A 164 -20.36 -4.34 2.50
C VAL A 164 -19.38 -4.79 3.58
N LYS A 165 -19.85 -5.73 4.41
CA LYS A 165 -19.08 -6.37 5.47
C LYS A 165 -19.30 -7.87 5.32
N VAL A 166 -18.25 -8.60 4.92
CA VAL A 166 -18.34 -10.06 4.76
C VAL A 166 -17.70 -10.74 5.98
N LYS A 167 -18.21 -11.92 6.35
CA LYS A 167 -17.71 -12.69 7.48
C LYS A 167 -16.28 -13.15 7.24
N ASN A 168 -15.98 -13.57 6.01
CA ASN A 168 -14.65 -14.03 5.62
C ASN A 168 -14.08 -13.18 4.46
N LEU A 169 -13.52 -12.01 4.80
CA LEU A 169 -12.88 -11.18 3.79
C LEU A 169 -11.67 -11.95 3.30
N GLU A 170 -11.48 -12.03 1.98
CA GLU A 170 -10.32 -12.74 1.41
C GLU A 170 -9.31 -11.78 0.74
N PHE A 171 -8.08 -12.23 0.51
CA PHE A 171 -7.09 -11.42 -0.19
C PHE A 171 -7.37 -11.52 -1.69
N GLY A 172 -6.55 -10.84 -2.48
CA GLY A 172 -6.69 -10.89 -3.92
C GLY A 172 -7.73 -9.93 -4.47
N LEU A 173 -8.19 -10.23 -5.69
CA LEU A 173 -9.14 -9.38 -6.38
C LEU A 173 -10.49 -9.32 -5.66
N GLN A 174 -11.05 -8.10 -5.47
CA GLN A 174 -12.31 -7.91 -4.78
C GLN A 174 -13.41 -7.70 -5.82
N PRO A 175 -14.66 -8.05 -5.49
CA PRO A 175 -15.73 -7.95 -6.51
C PRO A 175 -16.33 -6.55 -6.76
N HIS A 176 -15.77 -5.47 -6.16
CA HIS A 176 -16.27 -4.10 -6.32
CA HIS A 176 -16.28 -4.12 -6.38
C HIS A 176 -15.24 -3.14 -6.92
N LYS A 177 -15.63 -2.41 -7.96
CA LYS A 177 -14.81 -1.39 -8.60
C LYS A 177 -14.96 -0.08 -7.80
N ILE A 178 -13.97 0.83 -7.83
CA ILE A 178 -14.08 2.12 -7.13
C ILE A 178 -15.27 2.86 -7.75
N PRO A 179 -16.22 3.40 -6.94
CA PRO A 179 -17.43 4.05 -7.52
C PRO A 179 -17.11 5.11 -8.56
N ASP A 180 -17.87 5.08 -9.68
CA ASP A 180 -17.75 6.02 -10.82
C ASP A 180 -16.43 5.89 -11.59
N THR A 181 -15.75 4.71 -11.49
CA THR A 181 -14.47 4.45 -12.16
C THR A 181 -14.41 2.95 -12.57
N GLU A 182 -13.36 2.58 -13.32
CA GLU A 182 -13.09 1.18 -13.70
C GLU A 182 -11.98 0.58 -12.85
N THR A 183 -11.50 1.32 -11.83
CA THR A 183 -10.42 0.88 -10.94
C THR A 183 -10.84 -0.34 -10.10
N LEU A 184 -10.04 -1.42 -10.17
CA LEU A 184 -10.25 -2.64 -9.40
C LEU A 184 -9.65 -2.52 -7.99
N CYS A 185 -10.12 -3.32 -7.02
CA CYS A 185 -9.55 -3.36 -5.66
C CYS A 185 -8.86 -4.72 -5.48
N TYR A 186 -7.57 -4.69 -5.13
CA TYR A 186 -6.78 -5.90 -4.93
C TYR A 186 -6.13 -5.83 -3.55
N VAL A 187 -6.34 -6.86 -2.70
CA VAL A 187 -5.87 -6.83 -1.31
C VAL A 187 -4.73 -7.77 -1.05
N MET A 188 -3.69 -7.32 -0.31
CA MET A 188 -2.59 -8.23 0.00
C MET A 188 -2.31 -8.11 1.49
N PRO A 189 -1.67 -9.12 2.11
CA PRO A 189 -1.27 -8.95 3.50
C PRO A 189 -0.20 -7.85 3.55
N SER A 190 -0.22 -7.03 4.60
CA SER A 190 0.75 -5.94 4.75
C SER A 190 2.20 -6.44 4.56
N SER A 191 3.00 -5.65 3.83
CA SER A 191 4.42 -5.96 3.56
C SER A 191 5.26 -5.81 4.86
N SER A 192 4.67 -5.25 5.95
CA SER A 192 5.38 -5.16 7.24
C SER A 192 5.74 -6.58 7.74
N ALA A 193 6.94 -6.70 8.28
CA ALA A 193 7.34 -8.03 8.80
C ALA A 193 6.73 -8.24 10.20
N ARG A 194 5.89 -7.30 10.71
CA ARG A 194 5.23 -7.48 12.00
C ARG A 194 4.25 -8.67 12.00
N CYS A 195 3.72 -8.99 10.84
CA CYS A 195 2.75 -10.03 10.64
C CYS A 195 3.35 -11.44 10.75
N ALA A 196 2.96 -12.21 11.80
CA ALA A 196 3.48 -13.57 11.98
C ALA A 196 2.85 -14.64 11.08
N GLN A 197 1.64 -14.35 10.52
CA GLN A 197 0.87 -15.27 9.66
C GLN A 197 1.52 -15.52 8.31
N PHE A 198 2.30 -14.54 7.81
CA PHE A 198 3.06 -14.60 6.57
C PHE A 198 4.43 -14.17 7.02
N PRO A 199 5.18 -15.08 7.69
CA PRO A 199 6.43 -14.66 8.36
C PRO A 199 7.56 -14.13 7.48
N ARG A 200 7.59 -14.51 6.21
CA ARG A 200 8.69 -14.12 5.32
C ARG A 200 8.16 -13.45 4.09
N ALA A 201 9.04 -12.77 3.32
CA ALA A 201 8.70 -12.19 2.02
C ALA A 201 8.18 -13.28 1.08
N GLN A 202 8.83 -14.50 1.11
CA GLN A 202 8.42 -15.65 0.32
C GLN A 202 6.94 -16.00 0.52
N ASP A 203 6.44 -15.84 1.75
CA ASP A 203 5.06 -16.17 2.07
C ASP A 203 4.00 -15.19 1.48
N LYS A 204 4.47 -14.03 1.00
CA LYS A 204 3.59 -12.96 0.45
C LYS A 204 3.73 -12.79 -1.06
N VAL A 205 4.83 -13.30 -1.64
CA VAL A 205 5.15 -13.11 -3.05
CA VAL A 205 5.19 -13.19 -3.06
C VAL A 205 4.04 -13.67 -3.97
N HIS A 206 3.32 -14.73 -3.56
CA HIS A 206 2.21 -15.26 -4.35
C HIS A 206 1.23 -14.13 -4.74
N TYR A 207 0.92 -13.23 -3.78
CA TYR A 207 -0.03 -12.13 -4.06
C TYR A 207 0.52 -11.11 -5.07
N TYR A 208 1.84 -10.87 -5.06
CA TYR A 208 2.50 -9.95 -5.99
C TYR A 208 2.54 -10.57 -7.39
N ILE A 209 2.79 -11.89 -7.50
CA ILE A 209 2.79 -12.57 -8.79
C ILE A 209 1.38 -12.52 -9.41
N LYS A 210 0.33 -12.75 -8.59
CA LYS A 210 -1.07 -12.69 -9.05
C LYS A 210 -1.44 -11.23 -9.43
N LEU A 211 -0.87 -10.24 -8.73
CA LEU A 211 -1.07 -8.82 -9.04
C LEU A 211 -0.47 -8.56 -10.44
N LYS A 212 0.75 -9.07 -10.70
CA LYS A 212 1.46 -8.95 -11.98
C LYS A 212 0.62 -9.55 -13.12
N ASP A 213 0.11 -10.80 -12.91
CA ASP A 213 -0.75 -11.51 -13.86
C ASP A 213 -2.02 -10.69 -14.17
N LEU A 214 -2.65 -10.10 -13.11
CA LEU A 214 -3.84 -9.25 -13.25
C LEU A 214 -3.50 -8.01 -14.11
N ARG A 215 -2.33 -7.36 -13.87
CA ARG A 215 -1.90 -6.19 -14.64
C ARG A 215 -1.70 -6.54 -16.13
N ASP A 216 -0.98 -7.66 -16.39
CA ASP A 216 -0.68 -8.14 -17.74
C ASP A 216 -1.94 -8.51 -18.51
N GLN A 217 -2.97 -9.04 -17.80
CA GLN A 217 -4.27 -9.41 -18.39
C GLN A 217 -5.04 -8.14 -18.79
N LEU A 218 -5.00 -7.09 -17.94
CA LEU A 218 -5.67 -5.82 -18.19
C LEU A 218 -5.07 -5.07 -19.37
N LYS A 219 -3.73 -5.02 -19.46
CA LYS A 219 -2.99 -4.40 -20.55
C LYS A 219 -3.22 -5.16 -21.87
N GLY A 220 -3.44 -6.47 -21.77
CA GLY A 220 -3.71 -7.37 -22.90
C GLY A 220 -5.01 -7.04 -23.61
N ILE A 221 -6.05 -6.67 -22.84
CA ILE A 221 -7.37 -6.26 -23.37
C ILE A 221 -7.27 -4.91 -24.10
N GLU A 222 -6.32 -4.05 -23.68
CA GLU A 222 -6.05 -2.74 -24.29
C GLU A 222 -5.23 -2.95 -25.56
#